data_5FFY
#
_entry.id   5FFY
#
_cell.length_a   48.545
_cell.length_b   59.869
_cell.length_c   51.236
_cell.angle_alpha   90.00
_cell.angle_beta   100.43
_cell.angle_gamma   90.00
#
_symmetry.space_group_name_H-M   'I 1 2 1'
#
loop_
_entity.id
_entity.type
_entity.pdbx_description
1 polymer Peregrin
2 non-polymer 4-ethyl-~{N}-(6-methoxy-1,3-dimethyl-2-oxidanylidene-benzimidazol-5-yl)benzenesulfonamide
3 water water
#
_entity_poly.entity_id   1
_entity_poly.type   'polypeptide(L)'
_entity_poly.pdbx_seq_one_letter_code
;SMEMQLTPFLILLRKTLEQLQEKDTGNIFSEPVPLSEVPDYLDHIKKPMDFFTMKQNLEAYRYLNFDDFEEDFNLIVSNC
LKYNAKDTIFYRAAVRLREQGGAVLRQARRQAEKMG
;
_entity_poly.pdbx_strand_id   A
#
# COMPACT_ATOMS: atom_id res chain seq x y z
N GLN A 5 -5.33 -23.81 -4.30
CA GLN A 5 -5.73 -23.37 -5.68
C GLN A 5 -5.97 -21.85 -5.74
N LEU A 6 -5.79 -21.31 -6.95
CA LEU A 6 -5.94 -19.88 -7.28
C LEU A 6 -7.43 -19.50 -7.34
N THR A 7 -7.81 -18.34 -6.81
CA THR A 7 -9.16 -17.81 -7.05
C THR A 7 -9.10 -16.56 -7.91
N PRO A 8 -10.20 -16.23 -8.62
CA PRO A 8 -10.19 -15.01 -9.39
C PRO A 8 -9.93 -13.77 -8.55
N PHE A 9 -10.50 -13.77 -7.35
CA PHE A 9 -10.30 -12.62 -6.41
C PHE A 9 -8.85 -12.47 -5.98
N LEU A 10 -8.23 -13.57 -5.54
CA LEU A 10 -6.83 -13.47 -5.15
C LEU A 10 -5.92 -13.12 -6.35
N ILE A 11 -6.23 -13.61 -7.57
CA ILE A 11 -5.46 -13.23 -8.72
C ILE A 11 -5.57 -11.71 -8.97
N LEU A 12 -6.81 -11.19 -8.82
CA LEU A 12 -7.05 -9.76 -8.94
C LEU A 12 -6.24 -8.95 -7.91
N LEU A 13 -6.17 -9.41 -6.67
CA LEU A 13 -5.37 -8.71 -5.65
C LEU A 13 -3.90 -8.71 -6.03
N ARG A 14 -3.39 -9.87 -6.52
CA ARG A 14 -1.99 -9.92 -6.93
C ARG A 14 -1.67 -8.93 -8.07
N LYS A 15 -2.56 -8.91 -9.05
CA LYS A 15 -2.44 -8.03 -10.18
C LYS A 15 -2.44 -6.56 -9.71
N THR A 16 -3.36 -6.27 -8.82
CA THR A 16 -3.54 -4.89 -8.36
C THR A 16 -2.30 -4.47 -7.53
N LEU A 17 -1.79 -5.38 -6.73
CA LEU A 17 -0.60 -5.09 -5.94
C LEU A 17 0.58 -4.79 -6.89
N GLU A 18 0.73 -5.57 -7.96
CA GLU A 18 1.78 -5.26 -8.91
C GLU A 18 1.60 -3.91 -9.56
N GLN A 19 0.35 -3.54 -9.91
CA GLN A 19 0.09 -2.25 -10.50
C GLN A 19 0.41 -1.09 -9.53
N LEU A 20 0.12 -1.30 -8.25
CA LEU A 20 0.45 -0.27 -7.25
C LEU A 20 1.93 -0.11 -7.13
N GLN A 21 2.66 -1.23 -7.06
CA GLN A 21 4.14 -1.18 -6.96
C GLN A 21 4.77 -0.51 -8.17
N GLU A 22 4.16 -0.68 -9.34
CA GLU A 22 4.66 -0.01 -10.56
C GLU A 22 4.60 1.49 -10.46
N LYS A 23 3.62 2.01 -9.72
CA LYS A 23 3.47 3.43 -9.53
C LYS A 23 4.52 4.02 -8.60
N ASP A 24 5.04 3.18 -7.71
CA ASP A 24 6.12 3.59 -6.81
C ASP A 24 7.47 3.37 -7.45
N THR A 25 7.82 4.28 -8.36
CA THR A 25 8.97 4.09 -9.24
C THR A 25 10.28 4.10 -8.48
N GLY A 26 10.32 4.86 -7.39
CA GLY A 26 11.57 4.92 -6.58
C GLY A 26 11.68 3.82 -5.55
N ASN A 27 10.71 2.91 -5.48
CA ASN A 27 10.65 1.84 -4.43
C ASN A 27 10.66 2.35 -2.98
N ILE A 28 10.10 3.55 -2.81
CA ILE A 28 9.97 4.21 -1.50
CA ILE A 28 10.00 4.18 -1.49
C ILE A 28 9.15 3.36 -0.51
N PHE A 29 8.14 2.66 -1.01
CA PHE A 29 7.15 1.96 -0.19
C PHE A 29 7.24 0.43 -0.37
N SER A 30 8.32 -0.07 -0.98
CA SER A 30 8.44 -1.50 -1.23
C SER A 30 8.61 -2.37 0.04
N GLU A 31 9.31 -1.81 1.02
CA GLU A 31 9.70 -2.53 2.24
C GLU A 31 9.41 -1.66 3.47
N PRO A 32 9.31 -2.26 4.66
CA PRO A 32 9.09 -1.43 5.82
C PRO A 32 10.06 -0.23 5.97
N VAL A 33 9.60 0.88 6.51
CA VAL A 33 10.46 1.98 6.87
C VAL A 33 11.53 1.43 7.84
N PRO A 34 12.81 1.67 7.55
CA PRO A 34 13.88 0.99 8.38
C PRO A 34 14.05 1.72 9.69
N LEU A 35 13.73 0.99 10.77
CA LEU A 35 13.82 1.54 12.13
C LEU A 35 15.24 1.94 12.54
N SER A 36 16.24 1.29 11.95
CA SER A 36 17.61 1.69 12.21
C SER A 36 17.89 3.12 11.74
N GLU A 37 17.25 3.54 10.64
CA GLU A 37 17.49 4.86 10.07
C GLU A 37 16.51 5.89 10.62
N VAL A 38 15.37 5.41 11.12
CA VAL A 38 14.31 6.29 11.55
C VAL A 38 13.87 5.82 12.93
N PRO A 39 14.72 6.12 13.95
CA PRO A 39 14.50 5.44 15.23
C PRO A 39 13.24 5.82 16.01
N ASP A 40 12.65 6.98 15.71
CA ASP A 40 11.43 7.47 16.37
C ASP A 40 10.11 7.10 15.61
N TYR A 41 10.25 6.30 14.56
CA TYR A 41 9.11 6.06 13.67
C TYR A 41 7.88 5.51 14.41
N LEU A 42 8.10 4.53 15.30
CA LEU A 42 7.01 3.88 16.00
C LEU A 42 6.45 4.70 17.16
N ASP A 43 7.15 5.77 17.53
CA ASP A 43 6.59 6.78 18.44
C ASP A 43 5.34 7.44 17.80
N HIS A 44 5.31 7.51 16.47
CA HIS A 44 4.30 8.29 15.76
C HIS A 44 3.34 7.40 15.01
N ILE A 45 3.84 6.29 14.50
CA ILE A 45 3.06 5.45 13.64
C ILE A 45 2.70 4.11 14.28
N LYS A 46 1.41 3.91 14.52
CA LYS A 46 0.88 2.77 15.26
C LYS A 46 0.84 1.49 14.46
N LYS A 47 0.59 1.61 13.14
CA LYS A 47 0.46 0.44 12.28
CA LYS A 47 0.42 0.47 12.27
C LYS A 47 1.26 0.67 10.98
N PRO A 48 2.58 0.36 11.02
CA PRO A 48 3.40 0.52 9.80
C PRO A 48 2.86 -0.37 8.71
N MET A 49 3.00 0.09 7.45
CA MET A 49 2.63 -0.72 6.30
C MET A 49 3.51 -0.40 5.09
N ASP A 50 3.63 -1.37 4.18
CA ASP A 50 4.49 -1.27 3.01
C ASP A 50 4.07 -2.43 2.09
N PHE A 51 4.51 -2.39 0.85
CA PHE A 51 4.06 -3.38 -0.16
C PHE A 51 4.53 -4.81 0.09
N PHE A 52 5.70 -4.98 0.68
CA PHE A 52 6.19 -6.33 1.01
C PHE A 52 5.27 -6.97 2.09
N THR A 53 4.90 -6.21 3.12
CA THR A 53 3.98 -6.64 4.15
C THR A 53 2.58 -6.97 3.54
N MET A 54 2.16 -6.17 2.55
CA MET A 54 0.91 -6.48 1.87
C MET A 54 1.02 -7.80 1.11
N LYS A 55 2.15 -8.03 0.41
CA LYS A 55 2.37 -9.27 -0.31
C LYS A 55 2.28 -10.45 0.68
N GLN A 56 2.93 -10.31 1.82
CA GLN A 56 2.84 -11.38 2.90
C GLN A 56 1.40 -11.62 3.33
N ASN A 57 0.62 -10.56 3.54
CA ASN A 57 -0.78 -10.66 3.93
C ASN A 57 -1.64 -11.33 2.87
N LEU A 58 -1.34 -11.01 1.62
CA LEU A 58 -2.12 -11.52 0.50
C LEU A 58 -1.94 -13.01 0.42
N GLU A 59 -0.69 -13.45 0.52
CA GLU A 59 -0.36 -14.85 0.42
C GLU A 59 -0.72 -15.71 1.60
N ALA A 60 -1.06 -15.09 2.73
CA ALA A 60 -1.55 -15.81 3.91
C ALA A 60 -3.10 -15.72 3.96
N TYR A 61 -3.73 -15.41 2.84
CA TYR A 61 -5.20 -15.25 2.77
C TYR A 61 -5.84 -14.33 3.85
N ARG A 62 -5.25 -13.14 4.09
CA ARG A 62 -5.76 -12.20 5.11
C ARG A 62 -6.65 -11.13 4.51
N TYR A 63 -6.60 -10.99 3.19
CA TYR A 63 -7.52 -10.13 2.49
C TYR A 63 -8.59 -11.10 2.03
N LEU A 64 -9.64 -11.21 2.83
CA LEU A 64 -10.80 -11.99 2.44
C LEU A 64 -11.74 -11.09 1.64
N ASN A 65 -11.43 -9.81 1.61
CA ASN A 65 -12.23 -8.90 0.80
C ASN A 65 -11.38 -7.73 0.33
N PHE A 66 -11.91 -6.96 -0.63
CA PHE A 66 -11.19 -5.87 -1.26
C PHE A 66 -10.95 -4.72 -0.30
N ASP A 67 -11.92 -4.52 0.58
CA ASP A 67 -11.87 -3.44 1.56
C ASP A 67 -10.62 -3.46 2.40
N ASP A 68 -10.31 -4.64 2.92
CA ASP A 68 -9.20 -4.84 3.83
C ASP A 68 -7.90 -4.58 3.04
N PHE A 69 -7.91 -4.90 1.73
CA PHE A 69 -6.74 -4.65 0.87
C PHE A 69 -6.54 -3.15 0.68
N GLU A 70 -7.58 -2.44 0.26
CA GLU A 70 -7.51 -1.01 0.04
C GLU A 70 -7.13 -0.30 1.38
N GLU A 71 -7.60 -0.84 2.49
CA GLU A 71 -7.32 -0.16 3.80
C GLU A 71 -5.80 -0.17 4.07
N ASP A 72 -5.12 -1.27 3.75
CA ASP A 72 -3.69 -1.37 3.98
C ASP A 72 -2.94 -0.46 2.99
N PHE A 73 -3.40 -0.35 1.73
CA PHE A 73 -2.77 0.58 0.84
C PHE A 73 -2.89 2.02 1.39
N ASN A 74 -4.09 2.34 1.90
CA ASN A 74 -4.33 3.69 2.38
C ASN A 74 -3.46 4.00 3.59
N LEU A 75 -3.10 3.00 4.38
CA LEU A 75 -2.16 3.20 5.50
C LEU A 75 -0.76 3.53 5.02
N ILE A 76 -0.33 2.88 3.95
CA ILE A 76 1.00 3.21 3.36
C ILE A 76 1.09 4.73 3.15
N VAL A 77 0.04 5.27 2.53
CA VAL A 77 0.00 6.68 2.17
C VAL A 77 -0.21 7.57 3.43
N SER A 78 -1.16 7.24 4.29
CA SER A 78 -1.46 8.10 5.41
C SER A 78 -0.35 8.12 6.46
N ASN A 79 0.30 6.97 6.67
CA ASN A 79 1.45 6.96 7.58
C ASN A 79 2.57 7.90 7.09
N CYS A 80 2.81 7.95 5.78
CA CYS A 80 3.88 8.72 5.22
C CYS A 80 3.53 10.19 5.31
N LEU A 81 2.28 10.53 5.02
CA LEU A 81 1.87 11.93 5.17
C LEU A 81 1.94 12.37 6.64
N LYS A 82 1.61 11.45 7.54
CA LYS A 82 1.62 11.80 8.98
C LYS A 82 3.02 12.01 9.52
N TYR A 83 3.94 11.13 9.14
CA TYR A 83 5.29 11.15 9.70
C TYR A 83 6.14 12.32 9.16
N ASN A 84 6.13 12.47 7.85
CA ASN A 84 7.08 13.36 7.15
C ASN A 84 6.59 14.80 7.02
N ALA A 85 7.55 15.73 7.13
CA ALA A 85 7.26 17.12 6.84
C ALA A 85 6.80 17.22 5.36
N LYS A 86 5.97 18.22 5.08
CA LYS A 86 5.49 18.44 3.72
C LYS A 86 6.59 18.59 2.69
N ASP A 87 7.68 19.33 3.03
CA ASP A 87 8.78 19.59 2.09
C ASP A 87 9.79 18.49 2.20
N THR A 88 9.37 17.29 1.82
CA THR A 88 10.26 16.14 1.71
C THR A 88 9.91 15.31 0.50
N ILE A 89 10.88 14.52 0.02
CA ILE A 89 10.67 13.59 -1.08
C ILE A 89 9.57 12.56 -0.69
N PHE A 90 9.60 12.10 0.56
CA PHE A 90 8.65 11.08 1.02
C PHE A 90 7.20 11.60 0.97
N TYR A 91 6.97 12.79 1.52
CA TYR A 91 5.63 13.36 1.53
C TYR A 91 5.13 13.56 0.11
N ARG A 92 5.96 14.12 -0.76
CA ARG A 92 5.54 14.35 -2.16
C ARG A 92 5.24 13.01 -2.84
N ALA A 93 6.06 11.98 -2.58
CA ALA A 93 5.87 10.68 -3.17
C ALA A 93 4.52 10.08 -2.72
N ALA A 94 4.19 10.29 -1.47
CA ALA A 94 2.91 9.76 -0.94
C ALA A 94 1.71 10.46 -1.58
N VAL A 95 1.78 11.78 -1.77
CA VAL A 95 0.72 12.48 -2.50
C VAL A 95 0.56 11.89 -3.93
N ARG A 96 1.68 11.70 -4.63
CA ARG A 96 1.68 11.13 -5.99
C ARG A 96 1.08 9.72 -5.94
N LEU A 97 1.51 8.93 -4.97
CA LEU A 97 0.99 7.56 -4.86
C LEU A 97 -0.50 7.52 -4.59
N ARG A 98 -0.99 8.42 -3.72
CA ARG A 98 -2.43 8.57 -3.43
C ARG A 98 -3.21 8.80 -4.74
N GLU A 99 -2.71 9.72 -5.56
CA GLU A 99 -3.32 10.09 -6.88
C GLU A 99 -3.34 8.87 -7.83
N GLN A 100 -2.16 8.33 -8.09
CA GLN A 100 -2.00 7.27 -9.09
C GLN A 100 -2.56 5.95 -8.64
N GLY A 101 -2.38 5.66 -7.34
CA GLY A 101 -2.84 4.42 -6.72
C GLY A 101 -4.33 4.39 -6.56
N GLY A 102 -4.92 5.54 -6.30
CA GLY A 102 -6.37 5.63 -6.16
C GLY A 102 -7.04 5.21 -7.47
N ALA A 103 -6.43 5.63 -8.59
CA ALA A 103 -6.96 5.33 -9.92
C ALA A 103 -6.81 3.83 -10.22
N VAL A 104 -5.68 3.25 -9.84
CA VAL A 104 -5.57 1.78 -9.92
C VAL A 104 -6.65 1.05 -9.12
N LEU A 105 -6.88 1.48 -7.88
CA LEU A 105 -7.87 0.83 -7.02
C LEU A 105 -9.29 0.97 -7.48
N ARG A 106 -9.64 2.09 -8.11
CA ARG A 106 -11.01 2.32 -8.54
C ARG A 106 -11.38 1.27 -9.63
N GLN A 107 -10.45 1.12 -10.57
CA GLN A 107 -10.61 0.17 -11.68
C GLN A 107 -10.64 -1.26 -11.14
N ALA A 108 -9.73 -1.54 -10.24
CA ALA A 108 -9.69 -2.90 -9.67
C ALA A 108 -10.92 -3.25 -8.85
N ARG A 109 -11.51 -2.25 -8.15
CA ARG A 109 -12.73 -2.49 -7.37
CA ARG A 109 -12.73 -2.51 -7.37
C ARG A 109 -13.91 -2.85 -8.29
N ARG A 110 -13.95 -2.23 -9.46
CA ARG A 110 -14.99 -2.56 -10.45
C ARG A 110 -14.93 -4.05 -10.86
N GLN A 111 -13.72 -4.58 -10.95
CA GLN A 111 -13.57 -5.96 -11.38
C GLN A 111 -14.01 -6.89 -10.25
N ALA A 112 -13.71 -6.48 -9.03
CA ALA A 112 -14.02 -7.24 -7.81
C ALA A 112 -15.52 -7.34 -7.65
N GLU A 113 -16.23 -6.29 -8.08
CA GLU A 113 -17.69 -6.23 -7.91
C GLU A 113 -18.37 -7.23 -8.82
N LYS A 114 -17.76 -7.51 -9.97
CA LYS A 114 -18.27 -8.53 -10.87
C LYS A 114 -18.09 -9.97 -10.34
N MET A 115 -17.39 -10.13 -9.22
CA MET A 115 -17.23 -11.43 -8.53
C MET A 115 -18.14 -11.49 -7.32
#